data_7U42
#
_entry.id   7U42
#
_cell.length_a   99.719
_cell.length_b   101.835
_cell.length_c   135.725
_cell.angle_alpha   99.186
_cell.angle_beta   106.427
_cell.angle_gamma   101.549
#
_symmetry.space_group_name_H-M   'P 1'
#
loop_
_entity.id
_entity.type
_entity.pdbx_description
1 polymer 'DNA (31-MER)'
2 polymer "DNA (5'-D(P*TP*TP*TP*AP*GP*CP*AP*TP*AP*GP*TP*GP*AP*GP*TP*CP*GP*TP*GP*GP*CP*TP*CP*T)-3')"
3 polymer "DNA (5'-D(P*TP*GP*TP*GP*CP*TP*TP*GP*CP*GP*TP*CP*GP*CP*TP*TP*GP*TP*GP*GP*CP*TP*GP*C)-3')"
4 polymer 'DNA (42-MER)'
5 polymer 'DNA (35-MER)'
6 polymer 'DNA (31-MER)'
7 polymer "DNA (5'-D(*TP*AP*CP*AP*CP*CP*GP*AP*TP*CP*AP*CP*CP*TP*GP*CP*CP*AP*CP*CP*G)-3')"
#
loop_
_entity_poly.entity_id
_entity_poly.type
_entity_poly.pdbx_seq_one_letter_code
_entity_poly.pdbx_strand_id
1 'polydeoxyribonucleotide'
;(DC)(DA)(DA)(DG)(DA)(DG)(DC)(DC)(DT)(DG)(DA)(DT)(DC)(DG)(DG)(DA)(DC)(DA)(DA)(DG)
(DC)(DG)(DA)(DC)(DG)(DC)(DA)(DA)(DG)(DC)(DA)
;
A
2 'polydeoxyribonucleotide'
;(DT)(DT)(DT)(DA)(DG)(DC)(DA)(DT)(DA)(DG)(DT)(DG)(DA)(DG)(DT)(DC)(DG)(DT)(DG)(DG)
(DC)(DT)(DC)(DT)
;
E
3 'polydeoxyribonucleotide'
;(DT)(DG)(DT)(DG)(DC)(DT)(DT)(DG)(DC)(DG)(DT)(DC)(DG)(DC)(DT)(DT)(DG)(DT)(DG)(DG)
(DC)(DT)(DG)(DC)
;
D
4 'polydeoxyribonucleotide'
;(DG)(DA)(DG)(DC)(DA)(DG)(DC)(DC)(DT)(DG)(DT)(DA)(DC)(DG)(DG)(DA)(DC)(DA)(DT)(DC)
(DA)(DG)(DT)(DC)(DT)(DC)(DT)(DG)(DC)(DT)(DA)(DC)(DT)(DA)(DC)(DG)(DT)(DC)(DA)(DG)
(DC)(DA)
;
B
5 'polydeoxyribonucleotide'
;(DT)(DC)(DT)(DG)(DC)(DT)(DG)(DA)(DC)(DG)(DT)(DA)(DG)(DT)(DA)(DG)(DC)(DA)(DG)(DA)
(DG)(DA)(DC)(DT)(DG)(DA)(DT)(DG)(DT)(DG)(DG)(DT)(DA)(DG)(DG)
;
F
6 'polydeoxyribonucleotide'
;(DA)(DA)(DC)(DC)(DT)(DA)(DC)(DC)(DT)(DG)(DG)(DC)(DA)(DG)(DG)(DA)(DC)(DG)(DA)(DC)
(DT)(DC)(DA)(DC)(DT)(DA)(DT)(DG)(DC)(DT)(DA)
;
C
7 'polydeoxyribonucleotide'
;(DT)(DA)(DC)(DA)(DC)(DC)(DG)(DA)(DT)(DC)(DA)(DC)(DC)(DT)(DG)(DC)(DC)(DA)(DC)(DC)
(DG)
;
M
#
loop_
_chem_comp.id
_chem_comp.type
_chem_comp.name
_chem_comp.formula
DA DNA linking 2'-DEOXYADENOSINE-5'-MONOPHOSPHATE 'C10 H14 N5 O6 P'
DC DNA linking 2'-DEOXYCYTIDINE-5'-MONOPHOSPHATE 'C9 H14 N3 O7 P'
DG DNA linking 2'-DEOXYGUANOSINE-5'-MONOPHOSPHATE 'C10 H14 N5 O7 P'
DT DNA linking THYMIDINE-5'-MONOPHOSPHATE 'C10 H15 N2 O8 P'
#